data_4DHU
#
_entry.id   4DHU
#
_cell.length_a   82.320
_cell.length_b   112.460
_cell.length_c   62.500
_cell.angle_alpha   90.00
_cell.angle_beta   90.00
_cell.angle_gamma   90.00
#
_symmetry.space_group_name_H-M   'C 2 2 21'
#
loop_
_entity.id
_entity.type
_entity.pdbx_description
1 polymer '14-3-3 PROTEIN SIGMA'
2 non-polymer 'MAGNESIUM ION'
3 non-polymer 'CHLORIDE ION'
4 non-polymer GLYCEROL
5 non-polymer '(2-{2-[(2,3-dichlorophenyl)amino]-2-oxoethoxy}phenyl)phosphonic acid'
6 water water
#
_entity_poly.entity_id   1
_entity_poly.type   'polypeptide(L)'
_entity_poly.pdbx_seq_one_letter_code
;AMGSMERASLIQKAKLAEQAERYEDMAAFMKGAVEKGEELS(CSO)EERNLLSVAYKNVVGGQRAAWRVLSSIEQKSNEE
GSEEKGPEVREYREKVETELQGVCDTVLGLLDSHLIKEAGDAESRVFYLKMKGDYYRYLAEVATGDDKKRIIDSARSAYQ
EAMDISKKEMPPTNPIRLGLALNFSVFHYEIANSPEEAISLAKTTFDEAMADLHTLSEDSYKDSTLIMQLLRDNLTLWT
;
_entity_poly.pdbx_strand_id   A
#
loop_
_chem_comp.id
_chem_comp.type
_chem_comp.name
_chem_comp.formula
0KH non-polymer '(2-{2-[(2,3-dichlorophenyl)amino]-2-oxoethoxy}phenyl)phosphonic acid' 'C14 H12 Cl2 N O5 P'
CL non-polymer 'CHLORIDE ION' 'Cl -1'
GOL non-polymer GLYCEROL 'C3 H8 O3'
MG non-polymer 'MAGNESIUM ION' 'Mg 2'
#
# COMPACT_ATOMS: atom_id res chain seq x y z
N ALA A 1 -10.23 -4.00 -21.99
CA ALA A 1 -9.60 -4.81 -23.07
C ALA A 1 -9.40 -6.25 -22.66
N MET A 2 -9.58 -6.59 -21.36
CA MET A 2 -9.33 -7.96 -20.94
C MET A 2 -10.62 -8.77 -20.81
N GLY A 3 -11.73 -8.17 -21.20
CA GLY A 3 -13.04 -8.80 -21.06
C GLY A 3 -13.20 -10.14 -21.76
N SER A 4 -12.44 -10.31 -22.86
CA SER A 4 -12.53 -11.57 -23.60
CA SER A 4 -12.51 -11.57 -23.61
C SER A 4 -11.59 -12.66 -23.12
N MET A 5 -10.70 -12.35 -22.18
CA MET A 5 -9.74 -13.36 -21.75
C MET A 5 -10.23 -14.08 -20.49
N GLU A 6 -10.02 -15.39 -20.46
CA GLU A 6 -10.38 -16.20 -19.25
C GLU A 6 -9.73 -15.64 -17.98
N ARG A 7 -10.46 -15.71 -16.86
CA ARG A 7 -9.88 -15.34 -15.58
C ARG A 7 -8.55 -16.10 -15.35
N ALA A 8 -8.53 -17.41 -15.56
CA ALA A 8 -7.34 -18.17 -15.20
C ALA A 8 -6.19 -17.79 -16.12
N SER A 9 -6.50 -17.46 -17.38
CA SER A 9 -5.47 -17.00 -18.33
C SER A 9 -4.88 -15.64 -17.93
N LEU A 10 -5.74 -14.75 -17.42
CA LEU A 10 -5.24 -13.45 -16.92
C LEU A 10 -4.29 -13.67 -15.74
N ILE A 11 -4.66 -14.56 -14.82
CA ILE A 11 -3.78 -14.81 -13.67
CA ILE A 11 -3.79 -14.85 -13.67
C ILE A 11 -2.47 -15.44 -14.13
N GLN A 12 -2.56 -16.41 -15.04
CA GLN A 12 -1.33 -17.03 -15.58
C GLN A 12 -0.42 -15.99 -16.24
N LYS A 13 -1.01 -15.11 -17.04
CA LYS A 13 -0.20 -14.06 -17.70
C LYS A 13 0.33 -13.00 -16.72
N ALA A 14 -0.41 -12.74 -15.62
CA ALA A 14 0.13 -11.81 -14.59
C ALA A 14 1.42 -12.40 -14.02
N LYS A 15 1.45 -13.73 -13.80
CA LYS A 15 2.61 -14.37 -13.24
C LYS A 15 3.77 -14.36 -14.24
N LEU A 16 3.46 -14.57 -15.51
CA LEU A 16 4.48 -14.47 -16.58
C LEU A 16 5.03 -13.04 -16.66
N ALA A 17 4.13 -12.06 -16.61
CA ALA A 17 4.55 -10.63 -16.64
C ALA A 17 5.44 -10.31 -15.45
N GLU A 18 5.12 -10.81 -14.26
CA GLU A 18 6.01 -10.60 -13.11
C GLU A 18 7.44 -11.18 -13.42
N GLN A 19 7.48 -12.39 -13.97
CA GLN A 19 8.81 -13.00 -14.25
C GLN A 19 9.62 -12.19 -15.27
N ALA A 20 8.90 -11.55 -16.19
CA ALA A 20 9.50 -10.74 -17.23
C ALA A 20 9.72 -9.29 -16.82
N GLU A 21 9.38 -8.97 -15.58
CA GLU A 21 9.45 -7.59 -15.06
CA GLU A 21 9.45 -7.59 -15.06
C GLU A 21 8.63 -6.60 -15.89
N ARG A 22 7.48 -7.07 -16.39
CA ARG A 22 6.61 -6.22 -17.18
C ARG A 22 5.43 -5.84 -16.29
N TYR A 23 5.67 -4.85 -15.42
CA TYR A 23 4.69 -4.57 -14.37
C TYR A 23 3.42 -3.86 -14.83
N GLU A 24 3.52 -3.04 -15.89
CA GLU A 24 2.32 -2.43 -16.45
CA GLU A 24 2.34 -2.43 -16.49
C GLU A 24 1.43 -3.54 -17.03
N ASP A 25 2.02 -4.49 -17.77
CA ASP A 25 1.20 -5.61 -18.27
C ASP A 25 0.62 -6.41 -17.08
N MET A 26 1.43 -6.65 -16.07
CA MET A 26 0.97 -7.42 -14.91
C MET A 26 -0.24 -6.75 -14.28
N ALA A 27 -0.16 -5.41 -14.12
CA ALA A 27 -1.28 -4.67 -13.52
C ALA A 27 -2.52 -4.76 -14.38
N ALA A 28 -2.37 -4.61 -15.71
CA ALA A 28 -3.53 -4.71 -16.58
C ALA A 28 -4.16 -6.11 -16.56
N PHE A 29 -3.33 -7.15 -16.47
CA PHE A 29 -3.89 -8.53 -16.36
C PHE A 29 -4.65 -8.66 -15.04
N MET A 30 -4.06 -8.19 -13.94
CA MET A 30 -4.77 -8.31 -12.67
C MET A 30 -6.02 -7.43 -12.58
N LYS A 31 -6.00 -6.24 -13.21
CA LYS A 31 -7.23 -5.44 -13.27
C LYS A 31 -8.31 -6.25 -13.99
N GLY A 32 -7.94 -6.87 -15.15
CA GLY A 32 -8.92 -7.69 -15.85
C GLY A 32 -9.43 -8.83 -14.98
N ALA A 33 -8.53 -9.45 -14.21
CA ALA A 33 -8.97 -10.56 -13.33
C ALA A 33 -9.94 -10.04 -12.25
N VAL A 34 -9.63 -8.91 -11.64
CA VAL A 34 -10.57 -8.36 -10.64
C VAL A 34 -11.93 -8.09 -11.27
N GLU A 35 -11.90 -7.52 -12.48
CA GLU A 35 -13.15 -7.14 -13.15
C GLU A 35 -14.03 -8.32 -13.55
N LYS A 36 -13.50 -9.54 -13.47
CA LYS A 36 -14.38 -10.71 -13.61
C LYS A 36 -15.43 -10.83 -12.53
N GLY A 37 -15.18 -10.17 -11.38
CA GLY A 37 -16.25 -10.07 -10.37
C GLY A 37 -16.15 -11.09 -9.24
N GLU A 38 -15.29 -12.10 -9.40
CA GLU A 38 -15.04 -13.09 -8.34
CA GLU A 38 -15.07 -13.07 -8.34
C GLU A 38 -14.07 -12.53 -7.31
N GLU A 39 -14.21 -12.98 -6.06
CA GLU A 39 -13.23 -12.60 -5.04
C GLU A 39 -11.82 -13.11 -5.43
N LEU A 40 -10.77 -12.54 -4.84
CA LEU A 40 -9.41 -12.97 -5.12
C LEU A 40 -8.89 -13.82 -3.98
N SER A 41 -8.13 -14.85 -4.34
CA SER A 41 -7.44 -15.66 -3.33
C SER A 41 -6.23 -14.89 -2.72
N CSO A 42 -5.59 -15.44 -1.71
CA CSO A 42 -4.47 -14.78 -1.10
CB CSO A 42 -3.97 -15.76 -0.02
SG CSO A 42 -2.58 -14.98 0.82
C CSO A 42 -3.37 -14.54 -2.16
O CSO A 42 -2.80 -13.44 -2.26
OD CSO A 42 -1.32 -15.52 0.10
N GLU A 43 -3.10 -15.58 -2.95
CA GLU A 43 -2.02 -15.47 -3.95
CA GLU A 43 -2.00 -15.47 -3.91
C GLU A 43 -2.36 -14.39 -4.96
N GLU A 44 -3.62 -14.36 -5.38
CA GLU A 44 -4.10 -13.36 -6.40
C GLU A 44 -4.08 -11.92 -5.82
N ARG A 45 -4.46 -11.77 -4.54
CA ARG A 45 -4.32 -10.44 -3.89
C ARG A 45 -2.88 -9.98 -3.93
N ASN A 46 -1.95 -10.89 -3.64
CA ASN A 46 -0.55 -10.48 -3.69
CA ASN A 46 -0.52 -10.57 -3.72
C ASN A 46 -0.11 -10.10 -5.11
N LEU A 47 -0.62 -10.79 -6.14
CA LEU A 47 -0.26 -10.42 -7.49
C LEU A 47 -0.76 -9.00 -7.81
N LEU A 48 -1.98 -8.71 -7.39
CA LEU A 48 -2.56 -7.40 -7.62
C LEU A 48 -1.70 -6.32 -6.95
N SER A 49 -1.31 -6.54 -5.68
CA SER A 49 -0.52 -5.57 -4.95
CA SER A 49 -0.54 -5.53 -4.98
C SER A 49 0.86 -5.38 -5.55
N VAL A 50 1.55 -6.48 -5.87
CA VAL A 50 2.91 -6.37 -6.48
C VAL A 50 2.85 -5.58 -7.79
N ALA A 51 1.86 -5.87 -8.63
CA ALA A 51 1.76 -5.21 -9.95
C ALA A 51 1.65 -3.70 -9.78
N TYR A 52 0.63 -3.28 -9.03
CA TYR A 52 0.44 -1.82 -8.89
C TYR A 52 1.52 -1.14 -8.06
N LYS A 53 2.12 -1.83 -7.07
CA LYS A 53 3.13 -1.15 -6.30
CA LYS A 53 3.23 -1.30 -6.26
C LYS A 53 4.35 -0.88 -7.18
N ASN A 54 4.67 -1.78 -8.12
CA ASN A 54 5.77 -1.53 -9.02
C ASN A 54 5.46 -0.44 -10.01
N VAL A 55 4.23 -0.43 -10.54
CA VAL A 55 3.87 0.64 -11.49
C VAL A 55 3.93 2.00 -10.79
N VAL A 56 3.25 2.14 -9.66
CA VAL A 56 3.21 3.44 -8.99
CA VAL A 56 3.22 3.44 -9.00
C VAL A 56 4.58 3.80 -8.44
N GLY A 57 5.39 2.78 -8.08
CA GLY A 57 6.72 3.11 -7.57
C GLY A 57 7.59 3.77 -8.62
N GLY A 58 7.54 3.28 -9.85
CA GLY A 58 8.24 3.96 -10.95
C GLY A 58 7.75 5.41 -11.14
N GLN A 59 6.42 5.62 -11.04
CA GLN A 59 5.85 6.95 -11.21
C GLN A 59 6.28 7.88 -10.07
N ARG A 60 6.28 7.36 -8.84
CA ARG A 60 6.63 8.19 -7.70
C ARG A 60 8.10 8.59 -7.81
N ALA A 61 8.97 7.67 -8.21
CA ALA A 61 10.39 8.00 -8.35
C ALA A 61 10.60 9.05 -9.40
N ALA A 62 9.89 8.92 -10.51
CA ALA A 62 10.01 9.94 -11.58
C ALA A 62 9.51 11.32 -11.11
N TRP A 63 8.33 11.30 -10.46
CA TRP A 63 7.72 12.51 -9.95
C TRP A 63 8.70 13.23 -9.00
N ARG A 64 9.40 12.45 -8.16
CA ARG A 64 10.33 13.09 -7.21
C ARG A 64 11.50 13.75 -7.90
N VAL A 65 12.03 13.06 -8.91
CA VAL A 65 13.14 13.62 -9.70
C VAL A 65 12.68 14.96 -10.32
N LEU A 66 11.52 14.95 -10.99
CA LEU A 66 11.02 16.13 -11.72
C LEU A 66 10.66 17.26 -10.73
N SER A 67 10.05 16.89 -9.61
CA SER A 67 9.68 17.89 -8.60
CA SER A 67 9.70 17.87 -8.58
C SER A 67 10.94 18.57 -8.04
N SER A 68 12.00 17.81 -7.84
CA SER A 68 13.24 18.38 -7.34
CA SER A 68 13.28 18.34 -7.36
C SER A 68 13.83 19.36 -8.34
N ILE A 69 13.81 18.99 -9.63
CA ILE A 69 14.32 19.88 -10.68
C ILE A 69 13.47 21.16 -10.73
N GLU A 70 12.16 20.99 -10.59
CA GLU A 70 11.24 22.10 -10.62
C GLU A 70 11.49 23.05 -9.45
N GLN A 71 11.71 22.48 -8.26
CA GLN A 71 11.96 23.30 -7.06
C GLN A 71 13.27 24.06 -7.19
N LYS A 72 14.30 23.44 -7.75
CA LYS A 72 15.57 24.14 -7.99
C LYS A 72 15.41 25.30 -8.96
N SER A 73 14.61 25.12 -9.99
CA SER A 73 14.36 26.21 -10.94
C SER A 73 13.55 27.35 -10.33
N ASN A 74 12.90 27.11 -9.18
CA ASN A 74 12.11 28.14 -8.49
C ASN A 74 12.83 28.81 -7.31
N GLY A 82 11.32 28.34 -18.80
CA GLY A 82 10.05 28.07 -19.48
C GLY A 82 9.20 27.10 -18.70
N PRO A 83 8.06 26.73 -19.28
CA PRO A 83 7.05 25.94 -18.58
C PRO A 83 7.33 24.42 -18.63
N GLU A 84 8.39 23.98 -19.31
CA GLU A 84 8.52 22.55 -19.65
C GLU A 84 8.68 21.66 -18.41
N VAL A 85 9.46 22.06 -17.40
CA VAL A 85 9.68 21.19 -16.22
CA VAL A 85 9.66 21.16 -16.26
C VAL A 85 8.32 21.02 -15.52
N ARG A 86 7.62 22.12 -15.31
CA ARG A 86 6.27 22.05 -14.67
C ARG A 86 5.34 21.21 -15.52
N GLU A 87 5.35 21.41 -16.84
CA GLU A 87 4.44 20.64 -17.73
C GLU A 87 4.71 19.16 -17.59
N TYR A 88 5.98 18.79 -17.61
CA TYR A 88 6.31 17.36 -17.64
C TYR A 88 6.07 16.73 -16.25
N ARG A 89 6.36 17.50 -15.19
CA ARG A 89 6.04 17.01 -13.82
C ARG A 89 4.51 16.81 -13.71
N GLU A 90 3.71 17.77 -14.22
CA GLU A 90 2.26 17.62 -14.23
CA GLU A 90 2.25 17.61 -14.27
C GLU A 90 1.81 16.40 -15.05
N LYS A 91 2.48 16.09 -16.16
CA LYS A 91 2.10 14.91 -16.96
CA LYS A 91 2.12 14.91 -16.97
C LYS A 91 2.30 13.63 -16.13
N VAL A 92 3.46 13.50 -15.52
CA VAL A 92 3.78 12.34 -14.71
C VAL A 92 2.84 12.27 -13.51
N GLU A 93 2.55 13.44 -12.91
CA GLU A 93 1.66 13.49 -11.77
C GLU A 93 0.24 13.01 -12.13
N THR A 94 -0.23 13.44 -13.28
CA THR A 94 -1.56 13.06 -13.72
C THR A 94 -1.63 11.53 -13.97
N GLU A 95 -0.57 10.98 -14.54
CA GLU A 95 -0.57 9.55 -14.80
CA GLU A 95 -0.48 9.55 -14.82
C GLU A 95 -0.52 8.77 -13.50
N LEU A 96 0.25 9.29 -12.54
CA LEU A 96 0.31 8.67 -11.20
C LEU A 96 -1.08 8.71 -10.55
N GLN A 97 -1.75 9.87 -10.64
CA GLN A 97 -3.08 9.98 -10.05
C GLN A 97 -4.02 9.01 -10.71
N GLY A 98 -3.86 8.83 -12.03
CA GLY A 98 -4.75 7.91 -12.72
C GLY A 98 -4.57 6.47 -12.25
N VAL A 99 -3.35 6.07 -11.99
CA VAL A 99 -3.06 4.71 -11.48
C VAL A 99 -3.69 4.58 -10.09
N CYS A 100 -3.47 5.58 -9.24
CA CYS A 100 -4.07 5.51 -7.90
C CYS A 100 -5.59 5.43 -8.00
N ASP A 101 -6.20 6.25 -8.85
CA ASP A 101 -7.66 6.22 -8.97
C ASP A 101 -8.15 4.87 -9.49
N THR A 102 -7.36 4.24 -10.37
CA THR A 102 -7.73 2.90 -10.91
C THR A 102 -7.73 1.89 -9.78
N VAL A 103 -6.69 1.92 -8.94
CA VAL A 103 -6.61 0.92 -7.85
C VAL A 103 -7.77 1.18 -6.87
N LEU A 104 -7.96 2.45 -6.52
CA LEU A 104 -9.03 2.81 -5.58
C LEU A 104 -10.38 2.39 -6.13
N GLY A 105 -10.53 2.53 -7.45
CA GLY A 105 -11.77 2.08 -8.09
C GLY A 105 -12.01 0.59 -8.02
N LEU A 106 -10.94 -0.21 -8.14
CA LEU A 106 -11.10 -1.65 -8.05
C LEU A 106 -11.48 -2.00 -6.61
N LEU A 107 -10.85 -1.29 -5.67
CA LEU A 107 -11.19 -1.61 -4.24
C LEU A 107 -12.62 -1.23 -3.93
N ASP A 108 -13.11 -0.13 -4.48
CA ASP A 108 -14.47 0.32 -4.22
C ASP A 108 -15.54 -0.43 -5.04
N SER A 109 -15.12 -1.03 -6.15
CA SER A 109 -16.04 -1.74 -7.06
CA SER A 109 -16.05 -1.75 -7.03
C SER A 109 -15.47 -3.07 -7.52
N HIS A 110 -15.52 -4.13 -6.70
CA HIS A 110 -16.25 -4.20 -5.43
C HIS A 110 -15.44 -5.01 -4.42
N LEU A 111 -14.10 -4.86 -4.46
CA LEU A 111 -13.26 -5.78 -3.65
C LEU A 111 -13.53 -5.68 -2.13
N ILE A 112 -13.59 -4.46 -1.62
CA ILE A 112 -13.70 -4.27 -0.18
C ILE A 112 -15.07 -4.76 0.31
N LYS A 113 -16.13 -4.41 -0.41
CA LYS A 113 -17.45 -4.76 0.12
C LYS A 113 -17.67 -6.27 0.13
N GLU A 114 -17.00 -7.05 -0.77
CA GLU A 114 -17.19 -8.50 -0.69
CA GLU A 114 -17.12 -8.49 -0.83
C GLU A 114 -16.19 -9.22 0.19
N ALA A 115 -15.26 -8.47 0.79
CA ALA A 115 -14.19 -9.11 1.56
C ALA A 115 -14.65 -9.24 3.02
N GLY A 116 -14.96 -10.44 3.41
CA GLY A 116 -15.48 -10.70 4.79
C GLY A 116 -14.46 -11.28 5.74
N ASP A 117 -13.48 -11.97 5.21
CA ASP A 117 -12.46 -12.52 6.11
C ASP A 117 -11.48 -11.46 6.50
N ALA A 118 -10.98 -11.55 7.73
CA ALA A 118 -10.01 -10.55 8.14
C ALA A 118 -8.80 -10.38 7.23
N GLU A 119 -8.21 -11.50 6.74
CA GLU A 119 -7.00 -11.40 5.91
CA GLU A 119 -7.02 -11.47 5.88
C GLU A 119 -7.32 -10.64 4.62
N SER A 120 -8.48 -10.83 4.04
CA SER A 120 -8.76 -10.09 2.81
CA SER A 120 -8.75 -10.10 2.81
C SER A 120 -9.15 -8.65 3.08
N ARG A 121 -10.00 -8.45 4.09
CA ARG A 121 -10.49 -7.10 4.37
C ARG A 121 -9.35 -6.18 4.83
N VAL A 122 -8.48 -6.66 5.72
CA VAL A 122 -7.34 -5.85 6.11
C VAL A 122 -6.43 -5.58 4.92
N PHE A 123 -6.16 -6.59 4.08
CA PHE A 123 -5.31 -6.41 2.89
CA PHE A 123 -5.28 -6.40 2.92
C PHE A 123 -5.86 -5.26 2.04
N TYR A 124 -7.18 -5.30 1.77
CA TYR A 124 -7.71 -4.27 0.85
C TYR A 124 -7.78 -2.89 1.48
N LEU A 125 -8.07 -2.82 2.79
CA LEU A 125 -8.14 -1.50 3.42
C LEU A 125 -6.74 -0.93 3.51
N LYS A 126 -5.74 -1.77 3.78
CA LYS A 126 -4.36 -1.26 3.75
C LYS A 126 -4.02 -0.68 2.34
N MET A 127 -4.41 -1.42 1.29
CA MET A 127 -4.20 -0.91 -0.08
CA MET A 127 -4.20 -0.93 -0.07
C MET A 127 -4.88 0.43 -0.28
N LYS A 128 -6.13 0.57 0.20
CA LYS A 128 -6.84 1.84 0.10
C LYS A 128 -6.04 2.96 0.80
N GLY A 129 -5.54 2.68 1.99
CA GLY A 129 -4.67 3.63 2.73
C GLY A 129 -3.44 4.01 1.90
N ASP A 130 -2.77 3.02 1.33
CA ASP A 130 -1.52 3.25 0.61
C ASP A 130 -1.80 4.14 -0.62
N TYR A 131 -2.85 3.82 -1.40
CA TYR A 131 -3.05 4.60 -2.65
C TYR A 131 -3.57 6.01 -2.36
N TYR A 132 -4.35 6.22 -1.28
CA TYR A 132 -4.65 7.59 -0.93
C TYR A 132 -3.38 8.26 -0.43
N ARG A 133 -2.49 7.51 0.26
CA ARG A 133 -1.21 8.07 0.69
C ARG A 133 -0.38 8.57 -0.53
N TYR A 134 -0.37 7.80 -1.62
CA TYR A 134 0.39 8.20 -2.81
C TYR A 134 -0.27 9.42 -3.44
N LEU A 135 -1.61 9.48 -3.43
CA LEU A 135 -2.29 10.71 -3.90
C LEU A 135 -1.89 11.86 -2.98
N ALA A 136 -1.78 11.62 -1.68
CA ALA A 136 -1.48 12.77 -0.78
C ALA A 136 -0.08 13.32 -1.04
N GLU A 137 0.86 12.46 -1.47
CA GLU A 137 2.26 12.88 -1.66
C GLU A 137 2.32 13.99 -2.72
N VAL A 138 1.40 13.95 -3.69
CA VAL A 138 1.42 14.95 -4.78
C VAL A 138 0.34 16.02 -4.66
N ALA A 139 -0.49 15.93 -3.63
CA ALA A 139 -1.62 16.85 -3.45
C ALA A 139 -1.14 18.15 -2.83
N THR A 140 -1.85 19.25 -3.00
N THR A 140 -1.72 19.24 -3.38
CA THR A 140 -1.52 20.42 -2.17
CA THR A 140 -1.34 20.65 -3.14
C THR A 140 -2.78 20.94 -1.50
C THR A 140 -2.53 21.62 -3.07
N GLY A 141 -2.61 21.77 -0.48
N GLY A 141 -3.71 21.17 -3.44
CA GLY A 141 -3.74 22.58 0.04
CA GLY A 141 -4.88 22.04 -3.50
C GLY A 141 -4.82 21.82 0.77
C GLY A 141 -5.88 21.85 -2.35
N ASP A 142 -6.07 22.27 0.61
N ASP A 142 -7.12 22.19 -2.61
CA ASP A 142 -7.19 21.66 1.31
CA ASP A 142 -8.11 22.28 -1.54
C ASP A 142 -7.47 20.33 0.71
C ASP A 142 -8.55 20.90 -1.05
N ASP A 143 -7.30 20.28 -0.59
N ASP A 143 -7.90 19.86 -1.59
CA ASP A 143 -7.71 19.12 -1.31
CA ASP A 143 -8.11 18.48 -1.18
C ASP A 143 -6.92 17.96 -0.67
C ASP A 143 -6.86 17.70 -0.59
N LYS A 144 -5.67 18.30 -0.36
CA LYS A 144 -4.66 17.50 0.38
C LYS A 144 -5.28 17.01 1.70
N LYS A 145 -6.01 17.88 2.39
CA LYS A 145 -6.60 17.45 3.70
C LYS A 145 -7.58 16.31 3.61
N ARG A 146 -8.53 16.39 2.68
CA ARG A 146 -9.53 15.33 2.58
CA ARG A 146 -9.50 15.36 2.41
C ARG A 146 -8.80 14.06 2.11
N ILE A 147 -7.75 14.17 1.28
CA ILE A 147 -7.09 12.93 0.80
C ILE A 147 -6.34 12.26 1.97
N ILE A 148 -5.66 13.09 2.79
CA ILE A 148 -4.96 12.59 3.96
C ILE A 148 -5.97 11.93 4.89
N ASP A 149 -7.11 12.56 5.10
CA ASP A 149 -8.12 11.93 5.96
CA ASP A 149 -8.20 12.01 5.90
C ASP A 149 -8.65 10.61 5.40
N SER A 150 -8.81 10.50 4.08
CA SER A 150 -9.22 9.23 3.48
C SER A 150 -8.15 8.13 3.75
N ALA A 151 -6.87 8.49 3.64
CA ALA A 151 -5.82 7.50 3.89
C ALA A 151 -5.92 7.06 5.37
N ARG A 152 -6.01 8.06 6.24
CA ARG A 152 -6.05 7.81 7.68
CA ARG A 152 -5.99 7.76 7.67
C ARG A 152 -7.20 6.86 8.03
N SER A 153 -8.37 7.17 7.50
CA SER A 153 -9.58 6.42 7.81
CA SER A 153 -9.56 6.40 7.83
C SER A 153 -9.45 4.95 7.37
N ALA A 154 -8.91 4.76 6.18
CA ALA A 154 -8.72 3.38 5.68
C ALA A 154 -7.72 2.63 6.57
N TYR A 155 -6.58 3.24 6.83
CA TYR A 155 -5.60 2.60 7.70
C TYR A 155 -6.22 2.29 9.05
N GLN A 156 -7.01 3.22 9.58
CA GLN A 156 -7.52 3.04 10.96
C GLN A 156 -8.48 1.86 10.98
N GLU A 157 -9.37 1.76 9.97
CA GLU A 157 -10.31 0.63 9.93
CA GLU A 157 -10.31 0.62 9.89
C GLU A 157 -9.53 -0.69 9.82
N ALA A 158 -8.48 -0.71 8.99
CA ALA A 158 -7.65 -1.90 8.85
C ALA A 158 -6.99 -2.23 10.18
N MET A 159 -6.48 -1.23 10.88
CA MET A 159 -5.79 -1.50 12.15
CA MET A 159 -5.80 -1.46 12.16
C MET A 159 -6.80 -2.09 13.13
N ASP A 160 -8.01 -1.49 13.19
CA ASP A 160 -9.00 -1.99 14.18
C ASP A 160 -9.30 -3.47 13.94
N ILE A 161 -9.51 -3.86 12.68
CA ILE A 161 -9.82 -5.26 12.38
C ILE A 161 -8.61 -6.13 12.71
N SER A 162 -7.42 -5.66 12.33
CA SER A 162 -6.21 -6.46 12.46
CA SER A 162 -6.21 -6.42 12.48
C SER A 162 -5.94 -6.75 13.94
N LYS A 163 -6.19 -5.79 14.81
CA LYS A 163 -5.89 -5.97 16.21
C LYS A 163 -6.88 -6.96 16.85
N LYS A 164 -8.12 -6.97 16.36
CA LYS A 164 -9.19 -7.83 16.87
CA LYS A 164 -9.15 -7.84 16.91
C LYS A 164 -9.03 -9.26 16.36
N GLU A 165 -8.54 -9.41 15.10
CA GLU A 165 -8.68 -10.67 14.36
CA GLU A 165 -8.67 -10.66 14.37
C GLU A 165 -7.38 -11.39 14.02
N MET A 166 -6.22 -10.74 14.18
CA MET A 166 -4.99 -11.38 13.74
C MET A 166 -3.98 -11.35 14.85
N PRO A 167 -3.04 -12.32 14.86
CA PRO A 167 -2.03 -12.30 15.90
C PRO A 167 -1.05 -11.18 15.60
N PRO A 168 -0.29 -10.73 16.63
CA PRO A 168 0.60 -9.60 16.42
C PRO A 168 1.74 -9.85 15.47
N THR A 169 2.01 -11.12 15.16
CA THR A 169 3.07 -11.43 14.20
C THR A 169 2.54 -11.62 12.77
N ASN A 170 1.22 -11.54 12.55
CA ASN A 170 0.71 -11.80 11.20
C ASN A 170 1.38 -10.81 10.19
N PRO A 171 1.96 -11.28 9.08
CA PRO A 171 2.67 -10.34 8.21
C PRO A 171 1.83 -9.24 7.62
N ILE A 172 0.54 -9.53 7.37
CA ILE A 172 -0.29 -8.43 6.86
CA ILE A 172 -0.43 -8.51 6.91
C ILE A 172 -0.54 -7.40 7.93
N ARG A 173 -0.79 -7.82 9.17
CA ARG A 173 -0.92 -6.88 10.30
C ARG A 173 0.38 -6.07 10.46
N LEU A 174 1.53 -6.75 10.37
CA LEU A 174 2.83 -6.02 10.52
C LEU A 174 3.04 -5.01 9.40
N GLY A 175 2.76 -5.43 8.18
CA GLY A 175 2.95 -4.54 7.03
C GLY A 175 1.99 -3.34 7.08
N LEU A 176 0.76 -3.55 7.54
CA LEU A 176 -0.16 -2.46 7.73
C LEU A 176 0.38 -1.45 8.75
N ALA A 177 0.86 -1.95 9.88
CA ALA A 177 1.36 -1.06 10.92
C ALA A 177 2.60 -0.29 10.43
N LEU A 178 3.49 -1.00 9.71
CA LEU A 178 4.65 -0.34 9.09
C LEU A 178 4.17 0.80 8.20
N ASN A 179 3.24 0.52 7.28
CA ASN A 179 2.82 1.61 6.33
C ASN A 179 2.04 2.71 7.02
N PHE A 180 1.24 2.39 8.06
CA PHE A 180 0.53 3.44 8.75
C PHE A 180 1.56 4.28 9.53
N SER A 181 2.63 3.66 10.05
CA SER A 181 3.69 4.45 10.72
CA SER A 181 3.68 4.47 10.71
CA SER A 181 3.69 4.43 10.71
C SER A 181 4.34 5.40 9.72
N VAL A 182 4.57 4.91 8.51
CA VAL A 182 5.15 5.78 7.46
C VAL A 182 4.19 6.91 7.10
N PHE A 183 2.91 6.63 7.05
CA PHE A 183 1.90 7.66 6.82
C PHE A 183 2.05 8.73 7.93
N HIS A 184 2.12 8.30 9.21
CA HIS A 184 2.22 9.31 10.25
C HIS A 184 3.46 10.17 10.09
N TYR A 185 4.61 9.55 9.78
CA TYR A 185 5.88 10.28 9.79
C TYR A 185 6.00 11.20 8.57
N GLU A 186 5.61 10.68 7.41
CA GLU A 186 5.86 11.37 6.13
CA GLU A 186 5.88 11.36 6.14
C GLU A 186 4.70 12.22 5.66
N ILE A 187 3.48 11.88 6.04
CA ILE A 187 2.32 12.58 5.48
C ILE A 187 1.62 13.43 6.53
N ALA A 188 1.41 12.84 7.71
CA ALA A 188 0.55 13.50 8.70
C ALA A 188 1.33 14.38 9.66
N ASN A 189 2.63 14.53 9.47
CA ASN A 189 3.43 15.39 10.35
CA ASN A 189 3.47 15.37 10.34
C ASN A 189 3.31 14.98 11.81
N SER A 190 3.31 13.66 12.03
CA SER A 190 3.10 13.09 13.39
C SER A 190 4.20 12.10 13.68
N PRO A 191 5.47 12.56 13.70
CA PRO A 191 6.58 11.63 13.93
C PRO A 191 6.47 10.90 15.28
N GLU A 192 5.94 11.53 16.29
CA GLU A 192 5.79 10.78 17.56
C GLU A 192 4.81 9.61 17.46
N GLU A 193 3.69 9.81 16.74
CA GLU A 193 2.73 8.73 16.55
C GLU A 193 3.36 7.63 15.71
N ALA A 194 4.18 8.04 14.75
CA ALA A 194 4.91 7.04 13.91
C ALA A 194 5.83 6.16 14.74
N ILE A 195 6.63 6.81 15.59
CA ILE A 195 7.57 6.10 16.42
C ILE A 195 6.84 5.22 17.42
N SER A 196 5.77 5.74 18.05
CA SER A 196 5.01 4.93 19.04
CA SER A 196 5.03 4.93 19.03
C SER A 196 4.42 3.70 18.39
N LEU A 197 3.84 3.89 17.20
CA LEU A 197 3.21 2.76 16.53
C LEU A 197 4.24 1.72 16.14
N ALA A 198 5.35 2.19 15.57
CA ALA A 198 6.34 1.19 15.10
C ALA A 198 6.92 0.42 16.31
N LYS A 199 7.19 1.13 17.41
CA LYS A 199 7.78 0.49 18.58
CA LYS A 199 7.74 0.52 18.64
C LYS A 199 6.80 -0.50 19.25
N THR A 200 5.54 -0.10 19.46
CA THR A 200 4.56 -1.01 20.04
CA THR A 200 4.59 -1.08 20.06
C THR A 200 4.34 -2.26 19.14
N THR A 201 4.24 -2.00 17.84
CA THR A 201 4.08 -3.12 16.90
C THR A 201 5.25 -4.08 16.97
N PHE A 202 6.46 -3.51 16.99
CA PHE A 202 7.67 -4.36 17.06
C PHE A 202 7.68 -5.20 18.35
N ASP A 203 7.38 -4.55 19.46
CA ASP A 203 7.48 -5.20 20.77
C ASP A 203 6.42 -6.28 20.91
N GLU A 204 5.21 -6.03 20.46
CA GLU A 204 4.16 -7.04 20.59
CA GLU A 204 4.13 -7.03 20.56
C GLU A 204 4.43 -8.23 19.64
N ALA A 205 5.05 -7.96 18.48
CA ALA A 205 5.41 -9.06 17.59
C ALA A 205 6.53 -9.92 18.25
N MET A 206 7.55 -9.23 18.79
CA MET A 206 8.66 -9.96 19.42
CA MET A 206 8.67 -9.91 19.48
C MET A 206 8.12 -10.94 20.47
N ALA A 207 7.14 -10.51 21.27
CA ALA A 207 6.57 -11.36 22.34
C ALA A 207 5.80 -12.56 21.86
N ASP A 208 5.41 -12.56 20.59
CA ASP A 208 4.57 -13.61 20.00
CA ASP A 208 4.64 -13.68 20.07
C ASP A 208 5.41 -14.56 19.09
N LEU A 209 6.69 -14.23 18.85
CA LEU A 209 7.51 -15.04 17.93
C LEU A 209 7.59 -16.49 18.38
N HIS A 210 7.55 -16.72 19.69
CA HIS A 210 7.77 -18.10 20.21
C HIS A 210 6.68 -19.08 19.73
N THR A 211 5.55 -18.53 19.25
CA THR A 211 4.42 -19.35 18.84
C THR A 211 4.55 -19.84 17.41
N LEU A 212 5.56 -19.36 16.70
CA LEU A 212 5.68 -19.56 15.25
C LEU A 212 6.58 -20.69 14.83
N SER A 213 6.24 -21.34 13.71
CA SER A 213 7.18 -22.20 13.00
C SER A 213 8.39 -21.43 12.43
N GLU A 214 9.40 -22.19 12.01
CA GLU A 214 10.60 -21.64 11.42
CA GLU A 214 10.59 -21.54 11.53
C GLU A 214 10.25 -20.73 10.24
N ASP A 215 9.34 -21.21 9.37
CA ASP A 215 9.01 -20.40 8.19
C ASP A 215 8.19 -19.13 8.52
N SER A 216 7.21 -19.25 9.42
CA SER A 216 6.43 -18.07 9.84
C SER A 216 7.35 -17.11 10.56
N TYR A 217 8.26 -17.64 11.40
CA TYR A 217 9.23 -16.76 12.06
CA TYR A 217 9.26 -16.80 12.05
C TYR A 217 10.04 -15.93 11.05
N LYS A 218 10.54 -16.56 9.97
CA LYS A 218 11.26 -15.83 8.94
CA LYS A 218 11.26 -15.84 8.95
C LYS A 218 10.38 -14.73 8.34
N ASP A 219 9.12 -15.07 8.02
CA ASP A 219 8.17 -14.08 7.41
C ASP A 219 7.98 -12.86 8.31
N SER A 220 7.73 -13.14 9.59
CA SER A 220 7.44 -12.04 10.55
C SER A 220 8.67 -11.21 10.86
N THR A 221 9.81 -11.86 11.09
CA THR A 221 11.00 -11.11 11.48
C THR A 221 11.49 -10.23 10.32
N LEU A 222 11.24 -10.64 9.07
CA LEU A 222 11.61 -9.80 7.93
CA LEU A 222 11.62 -9.79 7.94
C LEU A 222 10.91 -8.44 8.04
N ILE A 223 9.63 -8.45 8.37
CA ILE A 223 8.87 -7.16 8.43
C ILE A 223 9.22 -6.44 9.72
N MET A 224 9.46 -7.20 10.79
CA MET A 224 9.93 -6.53 12.03
C MET A 224 11.23 -5.76 11.79
N GLN A 225 12.13 -6.30 10.93
CA GLN A 225 13.39 -5.62 10.66
C GLN A 225 13.12 -4.28 9.94
N LEU A 226 12.08 -4.24 9.08
CA LEU A 226 11.68 -2.97 8.44
C LEU A 226 11.20 -1.95 9.48
N LEU A 227 10.40 -2.40 10.49
CA LEU A 227 10.00 -1.49 11.53
C LEU A 227 11.23 -0.96 12.26
N ARG A 228 12.17 -1.87 12.58
CA ARG A 228 13.38 -1.45 13.28
CA ARG A 228 13.43 -1.51 13.23
C ARG A 228 14.22 -0.49 12.42
N ASP A 229 14.30 -0.73 11.11
CA ASP A 229 15.07 0.18 10.21
C ASP A 229 14.48 1.58 10.24
N ASN A 230 13.15 1.67 10.26
CA ASN A 230 12.52 2.99 10.34
C ASN A 230 12.76 3.64 11.66
N LEU A 231 12.64 2.87 12.75
CA LEU A 231 12.86 3.44 14.10
C LEU A 231 14.27 3.99 14.20
N THR A 232 15.22 3.29 13.60
CA THR A 232 16.60 3.80 13.53
C THR A 232 16.73 5.09 12.70
N LEU A 233 16.02 5.17 11.57
CA LEU A 233 16.00 6.38 10.76
CA LEU A 233 16.01 6.37 10.77
C LEU A 233 15.36 7.52 11.53
N TRP A 234 14.38 7.22 12.40
CA TRP A 234 13.55 8.28 13.01
C TRP A 234 13.95 8.77 14.40
N THR A 235 14.82 8.00 15.05
CA THR A 235 15.26 8.34 16.37
C THR A 235 16.77 8.55 16.39
MG MG B . -14.72 -18.00 -17.89
MG MG C . -16.83 -12.62 0.67
MG MG D . -1.69 18.41 -10.97
MG MG E . 12.20 26.26 -22.23
MG MG F . -7.68 -14.81 13.42
CL CL G . -18.81 -9.21 3.43
CL CL H . -1.41 -11.78 -24.15
C1 GOL I . 16.35 -10.55 17.49
O1 GOL I . 15.03 -11.21 17.33
C2 GOL I . 17.28 -11.23 18.52
O2 GOL I . 17.86 -12.40 17.93
C3 GOL I . 18.44 -10.32 18.97
O3 GOL I . 17.95 -9.05 19.37
OAC 0KH J . 6.74 2.46 -0.80
PAW 0KH J . 5.95 2.97 0.49
OAD 0KH J . 4.54 2.26 0.43
OAB 0KH J . 5.91 4.46 0.60
CAV 0KH J . 6.79 2.26 1.97
CAM 0KH J . 6.07 1.49 2.92
CAH 0KH J . 6.76 0.97 4.05
CAG 0KH J . 8.13 1.26 4.28
CAL 0KH J . 8.81 2.07 3.32
CAU 0KH J . 8.12 2.56 2.21
OAP 0KH J . 8.68 3.38 1.27
CAN 0KH J . 10.12 3.33 1.05
CAQ 0KH J . 10.40 3.76 -0.42
OAA 0KH J . 11.55 4.08 -0.74
NAO 0KH J . 9.33 3.74 -1.24
CAS 0KH J . 9.41 4.05 -2.57
CAT 0KH J . 9.52 5.38 -2.92
CL1 0KH J . 9.69 6.56 -1.70
CAR 0KH J . 9.58 5.74 -4.28
CL2 0KH J . 9.82 7.38 -4.70
CAJ 0KH J . 9.45 4.79 -5.29
CAI 0KH J . 9.32 3.46 -4.95
CAK 0KH J . 9.27 3.09 -3.59
#